data_1N8M
#
_entry.id   1N8M
#
_entity_poly.entity_id   1
_entity_poly.type   'polypeptide(L)'
_entity_poly.pdbx_seq_one_letter_code
;IEAIRCGGSRDCYRPCQKRTGCPNAKCINKTCKCYGCS
;
_entity_poly.pdbx_strand_id   A
#
# COMPACT_ATOMS: atom_id res chain seq x y z
N ILE A 1 -11.71 0.46 6.96
CA ILE A 1 -11.14 0.72 5.62
C ILE A 1 -11.11 -0.55 4.79
N GLU A 2 -11.03 -0.39 3.48
CA GLU A 2 -10.89 -1.50 2.56
C GLU A 2 -9.54 -2.18 2.75
N ALA A 3 -9.56 -3.50 2.89
CA ALA A 3 -8.36 -4.26 3.16
C ALA A 3 -7.62 -4.60 1.88
N ILE A 4 -6.56 -3.85 1.60
CA ILE A 4 -5.70 -4.15 0.47
C ILE A 4 -4.76 -5.29 0.83
N ARG A 5 -5.02 -6.46 0.28
CA ARG A 5 -4.20 -7.63 0.56
C ARG A 5 -2.89 -7.57 -0.20
N CYS A 6 -1.83 -8.05 0.43
CA CYS A 6 -0.51 -8.00 -0.15
C CYS A 6 0.30 -9.25 0.19
N GLY A 7 0.95 -9.81 -0.81
CA GLY A 7 1.92 -10.84 -0.57
C GLY A 7 3.26 -10.25 -0.17
N GLY A 8 3.48 -9.02 -0.63
CA GLY A 8 4.70 -8.31 -0.30
C GLY A 8 4.47 -6.82 -0.26
N SER A 9 5.51 -6.06 0.07
CA SER A 9 5.42 -4.60 0.10
C SER A 9 5.32 -4.05 -1.32
N ARG A 10 5.95 -4.77 -2.25
CA ARG A 10 5.92 -4.39 -3.66
C ARG A 10 4.52 -4.61 -4.22
N ASP A 11 3.72 -5.37 -3.48
CA ASP A 11 2.35 -5.68 -3.86
C ASP A 11 1.43 -4.57 -3.39
N CYS A 12 2.02 -3.63 -2.67
CA CYS A 12 1.29 -2.52 -2.12
C CYS A 12 1.57 -1.24 -2.91
N TYR A 13 2.63 -1.26 -3.71
CA TYR A 13 3.00 -0.10 -4.49
C TYR A 13 1.90 0.28 -5.46
N ARG A 14 1.42 -0.69 -6.24
CA ARG A 14 0.40 -0.42 -7.25
C ARG A 14 -0.81 0.35 -6.67
N PRO A 15 -1.52 -0.20 -5.65
CA PRO A 15 -2.67 0.48 -5.04
C PRO A 15 -2.28 1.80 -4.38
N CYS A 16 -1.31 1.76 -3.49
CA CYS A 16 -0.96 2.94 -2.70
C CYS A 16 -0.37 4.05 -3.57
N GLN A 17 0.37 3.68 -4.61
CA GLN A 17 0.93 4.65 -5.54
C GLN A 17 -0.18 5.25 -6.38
N LYS A 18 -1.15 4.42 -6.75
CA LYS A 18 -2.29 4.85 -7.54
C LYS A 18 -3.22 5.76 -6.71
N ARG A 19 -3.36 5.42 -5.43
CA ARG A 19 -4.23 6.15 -4.53
C ARG A 19 -3.64 7.50 -4.15
N THR A 20 -2.39 7.51 -3.69
CA THR A 20 -1.80 8.72 -3.12
C THR A 20 -0.95 9.46 -4.15
N GLY A 21 -0.17 8.72 -4.92
CA GLY A 21 0.79 9.31 -5.83
C GLY A 21 2.18 8.75 -5.63
N CYS A 22 2.40 8.13 -4.47
CA CYS A 22 3.69 7.53 -4.15
C CYS A 22 3.48 6.11 -3.63
N PRO A 23 4.42 5.20 -3.91
CA PRO A 23 4.28 3.78 -3.58
C PRO A 23 4.61 3.46 -2.13
N ASN A 24 4.94 4.49 -1.35
CA ASN A 24 5.28 4.32 0.06
C ASN A 24 4.17 3.59 0.81
N ALA A 25 4.41 2.32 1.11
CA ALA A 25 3.44 1.51 1.82
C ALA A 25 4.11 0.39 2.58
N LYS A 26 3.41 -0.12 3.58
CA LYS A 26 3.90 -1.25 4.36
C LYS A 26 2.91 -2.39 4.29
N CYS A 27 3.38 -3.57 3.93
CA CYS A 27 2.53 -4.76 3.93
C CYS A 27 2.47 -5.33 5.34
N ILE A 28 1.69 -4.69 6.19
CA ILE A 28 1.60 -5.07 7.59
C ILE A 28 0.22 -5.63 7.91
N ASN A 29 0.19 -6.68 8.73
CA ASN A 29 -1.06 -7.36 9.09
C ASN A 29 -1.74 -7.91 7.85
N LYS A 30 -0.94 -8.22 6.83
CA LYS A 30 -1.43 -8.70 5.56
C LYS A 30 -2.30 -7.65 4.87
N THR A 31 -2.08 -6.40 5.21
CA THR A 31 -2.82 -5.30 4.61
C THR A 31 -1.87 -4.17 4.23
N CYS A 32 -2.08 -3.59 3.06
CA CYS A 32 -1.26 -2.50 2.59
C CYS A 32 -1.55 -1.21 3.36
N LYS A 33 -0.58 -0.76 4.11
CA LYS A 33 -0.69 0.47 4.86
C LYS A 33 0.00 1.57 4.07
N CYS A 34 -0.78 2.27 3.27
CA CYS A 34 -0.27 3.27 2.35
C CYS A 34 0.03 4.59 3.05
N TYR A 35 1.18 5.18 2.72
CA TYR A 35 1.53 6.50 3.20
C TYR A 35 1.64 7.45 2.02
N GLY A 36 2.25 6.96 0.95
CA GLY A 36 2.48 7.78 -0.23
C GLY A 36 3.30 9.00 0.11
N CYS A 37 2.97 10.11 -0.52
CA CYS A 37 3.59 11.38 -0.17
C CYS A 37 2.53 12.33 0.34
N SER A 38 2.00 12.01 1.49
CA SER A 38 0.98 12.81 2.12
C SER A 38 1.55 14.13 2.65
N ILE A 1 -8.25 2.69 3.22
CA ILE A 1 -7.43 1.70 2.48
C ILE A 1 -8.25 0.46 2.13
N GLU A 2 -9.26 0.22 2.95
CA GLU A 2 -10.25 -0.84 2.72
C GLU A 2 -9.60 -2.22 2.78
N ALA A 3 -8.56 -2.33 3.61
CA ALA A 3 -7.79 -3.58 3.77
C ALA A 3 -7.33 -4.13 2.44
N ILE A 4 -6.30 -3.55 1.87
CA ILE A 4 -5.69 -4.08 0.66
C ILE A 4 -4.80 -5.26 1.02
N ARG A 5 -5.28 -6.47 0.75
CA ARG A 5 -4.52 -7.67 1.05
C ARG A 5 -3.34 -7.79 0.11
N CYS A 6 -2.17 -8.04 0.67
CA CYS A 6 -0.93 -8.01 -0.08
C CYS A 6 -0.07 -9.25 0.18
N GLY A 7 0.84 -9.49 -0.74
CA GLY A 7 1.85 -10.50 -0.54
C GLY A 7 3.24 -9.88 -0.52
N GLY A 8 3.33 -8.72 0.13
CA GLY A 8 4.59 -8.01 0.19
C GLY A 8 4.40 -6.51 0.08
N SER A 9 5.38 -5.74 0.52
CA SER A 9 5.33 -4.29 0.41
C SER A 9 5.36 -3.88 -1.06
N ARG A 10 6.11 -4.65 -1.85
CA ARG A 10 6.24 -4.40 -3.27
C ARG A 10 4.95 -4.74 -4.00
N ASP A 11 4.03 -5.37 -3.27
CA ASP A 11 2.73 -5.74 -3.82
C ASP A 11 1.70 -4.69 -3.48
N CYS A 12 2.11 -3.73 -2.65
CA CYS A 12 1.24 -2.64 -2.21
C CYS A 12 1.46 -1.38 -3.03
N TYR A 13 2.57 -1.31 -3.74
CA TYR A 13 2.92 -0.10 -4.48
C TYR A 13 1.87 0.22 -5.55
N ARG A 14 1.58 -0.72 -6.43
CA ARG A 14 0.65 -0.47 -7.52
C ARG A 14 -0.69 0.10 -7.02
N PRO A 15 -1.39 -0.57 -6.07
CA PRO A 15 -2.63 -0.04 -5.51
C PRO A 15 -2.42 1.29 -4.79
N CYS A 16 -1.58 1.30 -3.77
CA CYS A 16 -1.42 2.48 -2.91
C CYS A 16 -0.90 3.68 -3.70
N GLN A 17 0.04 3.45 -4.61
CA GLN A 17 0.60 4.53 -5.41
C GLN A 17 -0.46 5.11 -6.32
N LYS A 18 -1.20 4.24 -6.99
CA LYS A 18 -2.19 4.67 -7.96
C LYS A 18 -3.32 5.42 -7.27
N ARG A 19 -3.60 5.02 -6.03
CA ARG A 19 -4.67 5.62 -5.24
C ARG A 19 -4.27 6.99 -4.70
N THR A 20 -3.15 7.04 -4.01
CA THR A 20 -2.75 8.23 -3.28
C THR A 20 -1.86 9.16 -4.11
N GLY A 21 -1.04 8.57 -4.96
CA GLY A 21 -0.11 9.35 -5.75
C GLY A 21 1.33 8.96 -5.47
N CYS A 22 1.58 8.54 -4.24
CA CYS A 22 2.93 8.15 -3.83
C CYS A 22 2.98 6.67 -3.46
N PRO A 23 4.08 5.99 -3.78
CA PRO A 23 4.21 4.54 -3.63
C PRO A 23 4.60 4.11 -2.21
N ASN A 24 4.60 5.05 -1.29
CA ASN A 24 4.87 4.75 0.12
C ASN A 24 3.79 3.85 0.69
N ALA A 25 4.13 2.58 0.88
CA ALA A 25 3.19 1.59 1.39
C ALA A 25 3.93 0.40 1.96
N LYS A 26 3.38 -0.18 3.02
CA LYS A 26 3.98 -1.36 3.62
C LYS A 26 2.93 -2.41 3.92
N CYS A 27 3.29 -3.66 3.75
CA CYS A 27 2.37 -4.77 3.91
C CYS A 27 2.43 -5.29 5.33
N ILE A 28 1.67 -4.69 6.23
CA ILE A 28 1.67 -5.08 7.63
C ILE A 28 0.33 -5.69 8.00
N ASN A 29 0.37 -6.78 8.75
CA ASN A 29 -0.85 -7.50 9.16
C ASN A 29 -1.61 -7.99 7.95
N LYS A 30 -0.86 -8.26 6.87
CA LYS A 30 -1.44 -8.71 5.60
C LYS A 30 -2.27 -7.62 4.93
N THR A 31 -2.18 -6.41 5.46
CA THR A 31 -2.90 -5.28 4.91
C THR A 31 -1.95 -4.17 4.49
N CYS A 32 -2.09 -3.73 3.25
CA CYS A 32 -1.30 -2.62 2.75
C CYS A 32 -1.57 -1.37 3.55
N LYS A 33 -0.53 -0.84 4.17
CA LYS A 33 -0.62 0.41 4.87
C LYS A 33 -0.10 1.50 3.95
N CYS A 34 -0.98 1.95 3.06
CA CYS A 34 -0.63 2.99 2.09
C CYS A 34 -0.42 4.32 2.81
N TYR A 35 0.83 4.65 3.08
CA TYR A 35 1.16 5.89 3.75
C TYR A 35 0.84 7.08 2.85
N GLY A 36 1.13 6.91 1.57
CA GLY A 36 0.84 7.95 0.61
C GLY A 36 1.97 8.96 0.51
N CYS A 37 1.60 10.22 0.32
CA CYS A 37 2.60 11.27 0.14
C CYS A 37 2.93 11.95 1.46
N SER A 38 3.32 11.15 2.43
CA SER A 38 3.69 11.66 3.73
C SER A 38 5.20 11.47 3.97
N ILE A 1 -8.35 2.91 2.76
CA ILE A 1 -7.70 1.59 2.90
C ILE A 1 -8.73 0.55 3.35
N GLU A 2 -9.12 -0.31 2.42
CA GLU A 2 -10.17 -1.29 2.68
C GLU A 2 -9.57 -2.69 2.78
N ALA A 3 -8.50 -2.80 3.57
CA ALA A 3 -7.74 -4.05 3.68
C ALA A 3 -7.25 -4.54 2.33
N ILE A 4 -6.21 -3.90 1.82
CA ILE A 4 -5.59 -4.33 0.58
C ILE A 4 -4.70 -5.53 0.86
N ARG A 5 -5.16 -6.71 0.45
CA ARG A 5 -4.47 -7.95 0.73
C ARG A 5 -3.18 -8.05 -0.08
N CYS A 6 -2.08 -8.17 0.63
CA CYS A 6 -0.77 -8.19 0.00
C CYS A 6 0.03 -9.42 0.38
N GLY A 7 0.87 -9.89 -0.54
CA GLY A 7 1.82 -10.92 -0.23
C GLY A 7 3.20 -10.34 -0.04
N GLY A 8 3.23 -9.03 0.19
CA GLY A 8 4.47 -8.31 0.32
C GLY A 8 4.26 -6.83 0.16
N SER A 9 5.23 -6.03 0.57
CA SER A 9 5.12 -4.58 0.45
C SER A 9 5.14 -4.16 -1.02
N ARG A 10 5.79 -4.95 -1.85
CA ARG A 10 5.86 -4.67 -3.27
C ARG A 10 4.53 -4.98 -3.96
N ASP A 11 3.65 -5.63 -3.22
CA ASP A 11 2.30 -5.94 -3.70
C ASP A 11 1.36 -4.79 -3.37
N CYS A 12 1.91 -3.79 -2.71
CA CYS A 12 1.12 -2.68 -2.21
C CYS A 12 1.37 -1.41 -3.00
N TYR A 13 2.38 -1.43 -3.84
CA TYR A 13 2.79 -0.22 -4.54
C TYR A 13 1.77 0.19 -5.58
N ARG A 14 1.40 -0.70 -6.48
CA ARG A 14 0.45 -0.36 -7.55
C ARG A 14 -0.84 0.27 -6.98
N PRO A 15 -1.53 -0.37 -6.03
CA PRO A 15 -2.74 0.21 -5.43
C PRO A 15 -2.48 1.55 -4.76
N CYS A 16 -1.57 1.57 -3.79
CA CYS A 16 -1.33 2.78 -3.00
C CYS A 16 -0.73 3.90 -3.84
N GLN A 17 0.13 3.55 -4.79
CA GLN A 17 0.78 4.56 -5.61
C GLN A 17 -0.23 5.22 -6.54
N LYS A 18 -1.23 4.45 -6.95
CA LYS A 18 -2.30 4.98 -7.77
C LYS A 18 -3.27 5.80 -6.92
N ARG A 19 -3.64 5.26 -5.77
CA ARG A 19 -4.63 5.88 -4.89
C ARG A 19 -4.09 7.18 -4.28
N THR A 20 -2.91 7.11 -3.67
CA THR A 20 -2.37 8.24 -2.92
C THR A 20 -1.40 9.06 -3.75
N GLY A 21 -0.99 8.51 -4.90
CA GLY A 21 -0.05 9.20 -5.77
C GLY A 21 1.39 8.78 -5.54
N CYS A 22 1.63 8.12 -4.41
CA CYS A 22 2.99 7.73 -4.04
C CYS A 22 3.05 6.26 -3.63
N PRO A 23 4.19 5.60 -3.90
CA PRO A 23 4.35 4.16 -3.65
C PRO A 23 4.73 3.83 -2.21
N ASN A 24 4.75 4.84 -1.36
CA ASN A 24 5.04 4.63 0.05
C ASN A 24 3.92 3.82 0.70
N ALA A 25 4.15 2.52 0.79
CA ALA A 25 3.18 1.61 1.38
C ALA A 25 3.89 0.45 2.04
N LYS A 26 3.36 0.02 3.17
CA LYS A 26 3.92 -1.10 3.90
C LYS A 26 2.87 -2.20 4.06
N CYS A 27 3.24 -3.41 3.70
CA CYS A 27 2.36 -4.54 3.87
C CYS A 27 2.48 -5.07 5.29
N ILE A 28 1.63 -4.56 6.18
CA ILE A 28 1.66 -4.95 7.57
C ILE A 28 0.38 -5.72 7.92
N ASN A 29 0.56 -6.85 8.59
CA ASN A 29 -0.54 -7.71 9.00
C ASN A 29 -1.41 -8.09 7.82
N LYS A 30 -0.77 -8.39 6.69
CA LYS A 30 -1.47 -8.86 5.49
C LYS A 30 -2.34 -7.75 4.87
N THR A 31 -2.12 -6.52 5.31
CA THR A 31 -2.88 -5.39 4.80
C THR A 31 -1.95 -4.23 4.42
N CYS A 32 -2.10 -3.75 3.19
CA CYS A 32 -1.33 -2.63 2.70
C CYS A 32 -1.68 -1.34 3.42
N LYS A 33 -0.71 -0.78 4.12
CA LYS A 33 -0.86 0.50 4.77
C LYS A 33 -0.22 1.58 3.90
N CYS A 34 -1.02 2.26 3.10
CA CYS A 34 -0.51 3.30 2.22
C CYS A 34 -0.24 4.58 3.01
N TYR A 35 0.93 5.16 2.81
CA TYR A 35 1.30 6.39 3.49
C TYR A 35 1.22 7.60 2.56
N GLY A 36 1.64 7.40 1.31
CA GLY A 36 1.67 8.50 0.36
C GLY A 36 2.90 9.37 0.53
N CYS A 37 2.80 10.63 0.14
CA CYS A 37 3.92 11.56 0.31
C CYS A 37 3.61 12.60 1.37
N SER A 38 2.80 12.20 2.33
CA SER A 38 2.45 13.05 3.46
C SER A 38 1.97 12.18 4.62
N ILE A 1 -8.55 2.15 6.83
CA ILE A 1 -8.16 2.01 5.41
C ILE A 1 -8.73 0.74 4.80
N GLU A 2 -8.80 0.72 3.48
CA GLU A 2 -9.27 -0.43 2.74
C GLU A 2 -8.29 -1.59 2.88
N ALA A 3 -8.82 -2.79 3.15
CA ALA A 3 -7.99 -3.97 3.31
C ALA A 3 -7.45 -4.46 1.98
N ILE A 4 -6.38 -3.83 1.52
CA ILE A 4 -5.71 -4.28 0.31
C ILE A 4 -4.84 -5.49 0.65
N ARG A 5 -5.32 -6.66 0.26
CA ARG A 5 -4.62 -7.91 0.53
C ARG A 5 -3.32 -7.97 -0.27
N CYS A 6 -2.23 -8.28 0.40
CA CYS A 6 -0.93 -8.25 -0.23
C CYS A 6 -0.09 -9.47 0.13
N GLY A 7 0.88 -9.76 -0.71
CA GLY A 7 1.85 -10.79 -0.40
C GLY A 7 3.25 -10.18 -0.32
N GLY A 8 3.29 -8.93 0.11
CA GLY A 8 4.53 -8.20 0.16
C GLY A 8 4.29 -6.70 0.08
N SER A 9 5.16 -5.91 0.68
CA SER A 9 5.03 -4.46 0.63
C SER A 9 5.24 -3.97 -0.80
N ARG A 10 6.06 -4.69 -1.55
CA ARG A 10 6.26 -4.40 -2.97
C ARG A 10 4.98 -4.62 -3.76
N ASP A 11 4.08 -5.40 -3.17
CA ASP A 11 2.82 -5.74 -3.81
C ASP A 11 1.79 -4.66 -3.50
N CYS A 12 2.15 -3.82 -2.53
CA CYS A 12 1.28 -2.74 -2.09
C CYS A 12 1.60 -1.44 -2.81
N TYR A 13 2.75 -1.38 -3.46
CA TYR A 13 3.18 -0.15 -4.12
C TYR A 13 2.22 0.25 -5.21
N ARG A 14 2.00 -0.61 -6.20
CA ARG A 14 1.14 -0.25 -7.33
C ARG A 14 -0.23 0.27 -6.87
N PRO A 15 -1.00 -0.49 -6.05
CA PRO A 15 -2.28 -0.02 -5.55
C PRO A 15 -2.18 1.33 -4.84
N CYS A 16 -1.40 1.39 -3.77
CA CYS A 16 -1.32 2.60 -2.95
C CYS A 16 -0.72 3.76 -3.76
N GLN A 17 0.23 3.46 -4.62
CA GLN A 17 0.89 4.47 -5.42
C GLN A 17 -0.10 5.11 -6.39
N LYS A 18 -0.93 4.29 -7.00
CA LYS A 18 -1.89 4.78 -7.99
C LYS A 18 -3.10 5.43 -7.34
N ARG A 19 -3.35 5.08 -6.08
CA ARG A 19 -4.49 5.63 -5.35
C ARG A 19 -4.13 6.99 -4.75
N THR A 20 -2.91 7.12 -4.26
CA THR A 20 -2.51 8.31 -3.53
C THR A 20 -1.57 9.21 -4.32
N GLY A 21 -0.75 8.60 -5.17
CA GLY A 21 0.24 9.35 -5.92
C GLY A 21 1.65 8.98 -5.54
N CYS A 22 1.79 8.30 -4.40
CA CYS A 22 3.10 7.89 -3.90
C CYS A 22 3.07 6.45 -3.42
N PRO A 23 4.19 5.72 -3.62
CA PRO A 23 4.28 4.28 -3.33
C PRO A 23 4.58 3.97 -1.87
N ASN A 24 4.49 4.97 -1.02
CA ASN A 24 4.65 4.77 0.42
C ASN A 24 3.56 3.84 0.95
N ALA A 25 3.92 2.57 1.11
CA ALA A 25 2.98 1.57 1.56
C ALA A 25 3.69 0.42 2.26
N LYS A 26 3.04 -0.15 3.27
CA LYS A 26 3.57 -1.29 3.98
C LYS A 26 2.55 -2.41 3.96
N CYS A 27 3.00 -3.62 3.70
CA CYS A 27 2.13 -4.79 3.75
C CYS A 27 2.06 -5.32 5.18
N ILE A 28 1.42 -4.53 6.04
CA ILE A 28 1.37 -4.82 7.46
C ILE A 28 0.24 -5.82 7.75
N ASN A 29 0.63 -6.96 8.29
CA ASN A 29 -0.30 -8.05 8.61
C ASN A 29 -1.19 -8.41 7.43
N LYS A 30 -0.56 -8.55 6.26
CA LYS A 30 -1.25 -8.98 5.04
C LYS A 30 -2.27 -7.93 4.58
N THR A 31 -2.06 -6.68 4.95
CA THR A 31 -2.90 -5.59 4.49
C THR A 31 -2.05 -4.34 4.20
N CYS A 32 -2.27 -3.75 3.04
CA CYS A 32 -1.50 -2.60 2.61
C CYS A 32 -1.88 -1.34 3.37
N LYS A 33 -0.90 -0.74 4.01
CA LYS A 33 -1.06 0.52 4.70
C LYS A 33 -0.53 1.63 3.79
N CYS A 34 -1.41 2.24 3.01
CA CYS A 34 -1.01 3.26 2.05
C CYS A 34 -0.86 4.61 2.73
N TYR A 35 0.38 5.01 2.97
CA TYR A 35 0.66 6.27 3.66
C TYR A 35 0.47 7.45 2.72
N GLY A 36 0.73 7.24 1.43
CA GLY A 36 0.52 8.27 0.44
C GLY A 36 1.69 9.22 0.33
N CYS A 37 1.43 10.42 -0.14
CA CYS A 37 2.48 11.42 -0.33
C CYS A 37 2.67 12.24 0.93
N SER A 38 3.40 11.68 1.88
CA SER A 38 3.68 12.38 3.12
C SER A 38 5.18 12.58 3.28
N ILE A 1 -6.81 2.62 2.44
CA ILE A 1 -6.33 1.53 3.33
C ILE A 1 -7.47 0.58 3.64
N GLU A 2 -8.25 0.29 2.61
CA GLU A 2 -9.45 -0.54 2.73
C GLU A 2 -9.08 -2.03 2.64
N ALA A 3 -8.20 -2.45 3.54
CA ALA A 3 -7.71 -3.82 3.58
C ALA A 3 -7.19 -4.28 2.24
N ILE A 4 -6.13 -3.65 1.78
CA ILE A 4 -5.47 -4.07 0.56
C ILE A 4 -4.62 -5.28 0.86
N ARG A 5 -5.04 -6.43 0.35
CA ARG A 5 -4.39 -7.69 0.65
C ARG A 5 -3.10 -7.81 -0.14
N CYS A 6 -2.06 -8.29 0.53
CA CYS A 6 -0.73 -8.27 -0.04
C CYS A 6 0.08 -9.50 0.37
N GLY A 7 1.01 -9.88 -0.48
CA GLY A 7 1.97 -10.91 -0.13
C GLY A 7 3.37 -10.33 -0.08
N GLY A 8 3.43 -9.01 -0.06
CA GLY A 8 4.69 -8.30 -0.07
C GLY A 8 4.49 -6.81 -0.16
N SER A 9 5.52 -6.04 0.14
CA SER A 9 5.43 -4.58 0.07
C SER A 9 5.20 -4.13 -1.37
N ARG A 10 5.70 -4.90 -2.33
CA ARG A 10 5.52 -4.56 -3.75
C ARG A 10 4.09 -4.84 -4.19
N ASP A 11 3.36 -5.56 -3.35
CA ASP A 11 1.95 -5.83 -3.58
C ASP A 11 1.13 -4.65 -3.10
N CYS A 12 1.80 -3.75 -2.41
CA CYS A 12 1.18 -2.60 -1.81
C CYS A 12 1.47 -1.33 -2.60
N TYR A 13 2.58 -1.32 -3.33
CA TYR A 13 2.97 -0.15 -4.10
C TYR A 13 1.93 0.18 -5.15
N ARG A 14 1.68 -0.75 -6.07
CA ARG A 14 0.78 -0.50 -7.20
C ARG A 14 -0.56 0.12 -6.76
N PRO A 15 -1.31 -0.52 -5.85
CA PRO A 15 -2.58 0.04 -5.37
C PRO A 15 -2.40 1.41 -4.71
N CYS A 16 -1.61 1.47 -3.64
CA CYS A 16 -1.47 2.70 -2.87
C CYS A 16 -0.88 3.83 -3.73
N GLN A 17 0.05 3.49 -4.61
CA GLN A 17 0.71 4.48 -5.44
C GLN A 17 -0.27 5.07 -6.44
N LYS A 18 -1.11 4.22 -7.00
CA LYS A 18 -2.05 4.64 -8.01
C LYS A 18 -3.21 5.43 -7.39
N ARG A 19 -3.53 5.11 -6.13
CA ARG A 19 -4.65 5.74 -5.43
C ARG A 19 -4.25 7.08 -4.83
N THR A 20 -3.07 7.13 -4.20
CA THR A 20 -2.65 8.32 -3.49
C THR A 20 -1.72 9.18 -4.34
N GLY A 21 -0.83 8.51 -5.06
CA GLY A 21 0.15 9.21 -5.86
C GLY A 21 1.56 8.73 -5.60
N CYS A 22 1.79 8.15 -4.42
CA CYS A 22 3.12 7.70 -4.04
C CYS A 22 3.10 6.25 -3.60
N PRO A 23 4.20 5.51 -3.87
CA PRO A 23 4.29 4.07 -3.58
C PRO A 23 4.58 3.76 -2.13
N ASN A 24 4.69 4.80 -1.31
CA ASN A 24 4.94 4.62 0.13
C ASN A 24 3.83 3.77 0.76
N ALA A 25 4.13 2.50 0.97
CA ALA A 25 3.18 1.56 1.55
C ALA A 25 3.90 0.36 2.12
N LYS A 26 3.29 -0.27 3.11
CA LYS A 26 3.88 -1.43 3.76
C LYS A 26 2.85 -2.55 3.89
N CYS A 27 3.32 -3.77 3.78
CA CYS A 27 2.45 -4.93 3.88
C CYS A 27 2.52 -5.50 5.28
N ILE A 28 1.52 -5.19 6.10
CA ILE A 28 1.51 -5.65 7.48
C ILE A 28 0.14 -6.22 7.85
N ASN A 29 0.16 -7.37 8.52
CA ASN A 29 -1.07 -8.00 9.00
C ASN A 29 -2.00 -8.33 7.84
N LYS A 30 -1.39 -8.68 6.70
CA LYS A 30 -2.12 -9.00 5.47
C LYS A 30 -2.94 -7.82 4.98
N THR A 31 -2.48 -6.61 5.28
CA THR A 31 -3.17 -5.39 4.84
C THR A 31 -2.16 -4.28 4.56
N CYS A 32 -2.22 -3.74 3.36
CA CYS A 32 -1.31 -2.67 2.96
C CYS A 32 -1.63 -1.37 3.67
N LYS A 33 -0.64 -0.82 4.34
CA LYS A 33 -0.75 0.49 4.97
C LYS A 33 -0.13 1.54 4.08
N CYS A 34 -0.96 2.16 3.25
CA CYS A 34 -0.48 3.21 2.37
C CYS A 34 -0.13 4.45 3.19
N TYR A 35 1.05 5.01 2.93
CA TYR A 35 1.49 6.20 3.63
C TYR A 35 1.40 7.42 2.73
N GLY A 36 1.41 7.17 1.42
CA GLY A 36 1.21 8.23 0.44
C GLY A 36 2.27 9.32 0.53
N CYS A 37 1.83 10.56 0.47
CA CYS A 37 2.72 11.72 0.54
C CYS A 37 2.01 12.88 1.22
N SER A 38 2.47 13.19 2.42
CA SER A 38 1.91 14.29 3.18
C SER A 38 2.95 14.83 4.16
N ILE A 1 -9.50 0.37 8.06
CA ILE A 1 -9.01 0.89 6.75
C ILE A 1 -9.36 -0.08 5.63
N GLU A 2 -9.20 0.36 4.40
CA GLU A 2 -9.42 -0.50 3.24
C GLU A 2 -8.36 -1.61 3.23
N ALA A 3 -8.82 -2.85 3.29
CA ALA A 3 -7.92 -3.99 3.37
C ALA A 3 -7.45 -4.41 1.99
N ILE A 4 -6.39 -3.77 1.52
CA ILE A 4 -5.73 -4.20 0.30
C ILE A 4 -4.84 -5.39 0.63
N ARG A 5 -5.31 -6.57 0.25
CA ARG A 5 -4.62 -7.81 0.61
C ARG A 5 -3.32 -7.95 -0.18
N CYS A 6 -2.26 -8.31 0.52
CA CYS A 6 -0.95 -8.38 -0.08
C CYS A 6 -0.15 -9.55 0.47
N GLY A 7 0.68 -10.13 -0.38
CA GLY A 7 1.63 -11.11 0.07
C GLY A 7 3.03 -10.52 0.11
N GLY A 8 3.10 -9.21 -0.06
CA GLY A 8 4.36 -8.51 -0.08
C GLY A 8 4.18 -7.02 -0.18
N SER A 9 5.19 -6.27 0.23
CA SER A 9 5.16 -4.82 0.14
C SER A 9 5.13 -4.36 -1.31
N ARG A 10 5.72 -5.17 -2.18
CA ARG A 10 5.74 -4.88 -3.60
C ARG A 10 4.34 -4.99 -4.21
N ASP A 11 3.44 -5.59 -3.45
CA ASP A 11 2.06 -5.76 -3.89
C ASP A 11 1.22 -4.60 -3.42
N CYS A 12 1.86 -3.72 -2.66
CA CYS A 12 1.19 -2.55 -2.12
C CYS A 12 1.59 -1.29 -2.87
N TYR A 13 2.75 -1.32 -3.52
CA TYR A 13 3.23 -0.16 -4.24
C TYR A 13 2.28 0.17 -5.39
N ARG A 14 1.97 -0.82 -6.21
CA ARG A 14 1.13 -0.59 -7.38
C ARG A 14 -0.20 0.08 -6.99
N PRO A 15 -0.99 -0.50 -6.05
CA PRO A 15 -2.22 0.14 -5.57
C PRO A 15 -1.96 1.50 -4.94
N CYS A 16 -1.15 1.54 -3.88
CA CYS A 16 -0.98 2.76 -3.09
C CYS A 16 -0.33 3.88 -3.90
N GLN A 17 0.63 3.54 -4.77
CA GLN A 17 1.30 4.55 -5.59
C GLN A 17 0.32 5.12 -6.60
N LYS A 18 -0.48 4.25 -7.19
CA LYS A 18 -1.47 4.65 -8.19
C LYS A 18 -2.57 5.50 -7.54
N ARG A 19 -2.90 5.18 -6.30
CA ARG A 19 -3.95 5.89 -5.58
C ARG A 19 -3.47 7.23 -5.03
N THR A 20 -2.40 7.20 -4.25
CA THR A 20 -1.97 8.39 -3.52
C THR A 20 -0.98 9.22 -4.32
N GLY A 21 -0.32 8.59 -5.29
CA GLY A 21 0.68 9.29 -6.07
C GLY A 21 2.09 8.94 -5.63
N CYS A 22 2.21 8.26 -4.49
CA CYS A 22 3.50 7.89 -3.95
C CYS A 22 3.52 6.42 -3.56
N PRO A 23 4.63 5.71 -3.84
CA PRO A 23 4.74 4.27 -3.59
C PRO A 23 5.02 3.92 -2.13
N ASN A 24 5.03 4.94 -1.28
CA ASN A 24 5.21 4.76 0.15
C ASN A 24 4.09 3.90 0.73
N ALA A 25 4.36 2.61 0.91
CA ALA A 25 3.38 1.68 1.44
C ALA A 25 4.06 0.48 2.06
N LYS A 26 3.39 -0.13 3.03
CA LYS A 26 3.90 -1.33 3.65
C LYS A 26 2.81 -2.38 3.76
N CYS A 27 3.21 -3.63 3.67
CA CYS A 27 2.29 -4.75 3.74
C CYS A 27 2.33 -5.34 5.14
N ILE A 28 1.50 -4.81 6.02
CA ILE A 28 1.52 -5.23 7.41
C ILE A 28 0.14 -5.78 7.80
N ASN A 29 0.13 -6.93 8.48
CA ASN A 29 -1.11 -7.62 8.83
C ASN A 29 -1.90 -7.99 7.58
N LYS A 30 -1.16 -8.28 6.50
CA LYS A 30 -1.75 -8.63 5.21
C LYS A 30 -2.70 -7.53 4.73
N THR A 31 -2.37 -6.29 5.08
CA THR A 31 -3.11 -5.13 4.63
C THR A 31 -2.14 -4.04 4.20
N CYS A 32 -2.29 -3.57 2.99
CA CYS A 32 -1.45 -2.50 2.47
C CYS A 32 -1.72 -1.20 3.18
N LYS A 33 -0.71 -0.72 3.88
CA LYS A 33 -0.79 0.52 4.61
C LYS A 33 -0.16 1.63 3.78
N CYS A 34 -0.98 2.26 2.95
CA CYS A 34 -0.49 3.30 2.04
C CYS A 34 -0.20 4.58 2.81
N TYR A 35 1.07 4.98 2.83
CA TYR A 35 1.47 6.20 3.50
C TYR A 35 1.35 7.38 2.54
N GLY A 36 1.72 7.13 1.29
CA GLY A 36 1.61 8.14 0.25
C GLY A 36 2.42 9.37 0.54
N CYS A 37 1.78 10.53 0.45
CA CYS A 37 2.44 11.79 0.68
C CYS A 37 1.47 12.78 1.33
N SER A 38 1.65 12.99 2.63
CA SER A 38 0.81 13.89 3.42
C SER A 38 -0.63 13.41 3.44
N ILE A 1 -8.05 3.23 5.77
CA ILE A 1 -7.21 2.01 5.78
C ILE A 1 -8.07 0.78 5.53
N GLU A 2 -8.02 0.27 4.31
CA GLU A 2 -8.84 -0.86 3.92
C GLU A 2 -7.96 -2.08 3.68
N ALA A 3 -8.60 -3.24 3.56
CA ALA A 3 -7.88 -4.50 3.45
C ALA A 3 -7.41 -4.77 2.02
N ILE A 4 -6.37 -4.07 1.62
CA ILE A 4 -5.71 -4.35 0.35
C ILE A 4 -4.79 -5.55 0.54
N ARG A 5 -5.21 -6.71 0.04
CA ARG A 5 -4.45 -7.94 0.24
C ARG A 5 -3.18 -7.94 -0.58
N CYS A 6 -2.07 -8.21 0.09
CA CYS A 6 -0.77 -8.15 -0.53
C CYS A 6 0.05 -9.41 -0.24
N GLY A 7 1.03 -9.67 -1.08
CA GLY A 7 1.99 -10.72 -0.83
C GLY A 7 3.36 -10.15 -0.58
N GLY A 8 3.37 -8.92 -0.10
CA GLY A 8 4.61 -8.20 0.10
C GLY A 8 4.42 -6.71 -0.06
N SER A 9 5.38 -5.93 0.44
CA SER A 9 5.33 -4.48 0.31
C SER A 9 5.32 -4.07 -1.16
N ARG A 10 5.99 -4.87 -1.99
CA ARG A 10 6.07 -4.60 -3.42
C ARG A 10 4.72 -4.79 -4.09
N ASP A 11 3.82 -5.48 -3.41
CA ASP A 11 2.48 -5.74 -3.91
C ASP A 11 1.56 -4.58 -3.56
N CYS A 12 2.02 -3.77 -2.63
CA CYS A 12 1.25 -2.65 -2.13
C CYS A 12 1.57 -1.37 -2.87
N TYR A 13 2.66 -1.38 -3.63
CA TYR A 13 3.10 -0.19 -4.33
C TYR A 13 2.07 0.28 -5.34
N ARG A 14 1.73 -0.55 -6.32
CA ARG A 14 0.81 -0.15 -7.39
C ARG A 14 -0.48 0.49 -6.84
N PRO A 15 -1.24 -0.19 -5.95
CA PRO A 15 -2.46 0.38 -5.38
C PRO A 15 -2.20 1.70 -4.67
N CYS A 16 -1.33 1.69 -3.67
CA CYS A 16 -1.12 2.87 -2.85
C CYS A 16 -0.46 4.00 -3.64
N GLN A 17 0.45 3.65 -4.54
CA GLN A 17 1.15 4.64 -5.35
C GLN A 17 0.17 5.36 -6.26
N LYS A 18 -0.81 4.65 -6.77
CA LYS A 18 -1.79 5.24 -7.66
C LYS A 18 -2.88 5.97 -6.88
N ARG A 19 -3.20 5.47 -5.69
CA ARG A 19 -4.25 6.06 -4.87
C ARG A 19 -3.76 7.32 -4.16
N THR A 20 -2.52 7.31 -3.68
CA THR A 20 -2.00 8.40 -2.88
C THR A 20 -0.91 9.19 -3.61
N GLY A 21 -0.44 8.66 -4.73
CA GLY A 21 0.61 9.32 -5.48
C GLY A 21 1.99 8.91 -5.00
N CYS A 22 2.05 8.07 -3.98
CA CYS A 22 3.32 7.65 -3.40
C CYS A 22 3.26 6.17 -3.03
N PRO A 23 4.34 5.41 -3.29
CA PRO A 23 4.37 3.97 -3.07
C PRO A 23 4.59 3.55 -1.61
N ASN A 24 4.70 4.52 -0.71
CA ASN A 24 4.92 4.24 0.71
C ASN A 24 3.78 3.42 1.29
N ALA A 25 4.02 2.12 1.42
CA ALA A 25 3.02 1.22 1.97
C ALA A 25 3.68 0.04 2.66
N LYS A 26 3.01 -0.50 3.66
CA LYS A 26 3.48 -1.70 4.33
C LYS A 26 2.45 -2.81 4.19
N CYS A 27 2.94 -4.02 4.01
CA CYS A 27 2.08 -5.19 3.91
C CYS A 27 1.91 -5.82 5.29
N ILE A 28 1.27 -5.08 6.20
CA ILE A 28 1.13 -5.52 7.58
C ILE A 28 -0.24 -6.16 7.78
N ASN A 29 -0.26 -7.30 8.46
CA ASN A 29 -1.48 -8.09 8.65
C ASN A 29 -2.02 -8.55 7.29
N LYS A 30 -1.10 -8.63 6.32
CA LYS A 30 -1.45 -8.96 4.94
C LYS A 30 -2.40 -7.90 4.36
N THR A 31 -2.30 -6.69 4.89
CA THR A 31 -3.06 -5.57 4.37
C THR A 31 -2.13 -4.38 4.12
N CYS A 32 -2.34 -3.72 3.00
CA CYS A 32 -1.51 -2.60 2.61
C CYS A 32 -1.85 -1.34 3.39
N LYS A 33 -0.87 -0.81 4.10
CA LYS A 33 -1.00 0.44 4.80
C LYS A 33 -0.38 1.53 3.94
N CYS A 34 -1.21 2.19 3.13
CA CYS A 34 -0.72 3.23 2.23
C CYS A 34 -0.52 4.53 3.00
N TYR A 35 0.74 4.93 3.15
CA TYR A 35 1.06 6.16 3.84
C TYR A 35 0.88 7.34 2.91
N GLY A 36 1.32 7.18 1.68
CA GLY A 36 1.19 8.24 0.69
C GLY A 36 2.14 9.39 0.91
N CYS A 37 2.25 10.24 -0.09
CA CYS A 37 3.13 11.41 -0.06
C CYS A 37 2.51 12.51 -0.90
N SER A 38 1.46 13.11 -0.40
CA SER A 38 0.70 14.08 -1.17
C SER A 38 0.57 15.40 -0.41
N ILE A 1 -9.25 3.37 3.16
CA ILE A 1 -8.57 2.07 3.22
C ILE A 1 -9.58 0.94 3.12
N GLU A 2 -9.37 0.05 2.15
CA GLU A 2 -10.29 -1.05 1.88
C GLU A 2 -9.62 -2.39 2.13
N ALA A 3 -8.67 -2.39 3.06
CA ALA A 3 -7.89 -3.57 3.43
C ALA A 3 -7.26 -4.22 2.20
N ILE A 4 -6.19 -3.61 1.71
CA ILE A 4 -5.50 -4.13 0.54
C ILE A 4 -4.64 -5.31 0.95
N ARG A 5 -5.17 -6.51 0.76
CA ARG A 5 -4.48 -7.74 1.14
C ARG A 5 -3.24 -7.93 0.29
N CYS A 6 -2.10 -8.11 0.94
CA CYS A 6 -0.82 -8.14 0.25
C CYS A 6 -0.01 -9.36 0.63
N GLY A 7 0.84 -9.79 -0.28
CA GLY A 7 1.80 -10.84 0.01
C GLY A 7 3.20 -10.29 -0.07
N GLY A 8 3.34 -9.00 0.20
CA GLY A 8 4.62 -8.34 0.13
C GLY A 8 4.47 -6.85 -0.05
N SER A 9 5.57 -6.12 0.08
CA SER A 9 5.54 -4.67 -0.06
C SER A 9 5.38 -4.27 -1.52
N ARG A 10 5.89 -5.08 -2.43
CA ARG A 10 5.79 -4.82 -3.85
C ARG A 10 4.38 -5.14 -4.36
N ASP A 11 3.56 -5.66 -3.45
CA ASP A 11 2.16 -5.95 -3.74
C ASP A 11 1.31 -4.73 -3.45
N CYS A 12 1.91 -3.76 -2.77
CA CYS A 12 1.19 -2.61 -2.27
C CYS A 12 1.41 -1.37 -3.12
N TYR A 13 2.46 -1.37 -3.92
CA TYR A 13 2.85 -0.17 -4.67
C TYR A 13 1.75 0.28 -5.62
N ARG A 14 1.28 -0.60 -6.51
CA ARG A 14 0.29 -0.20 -7.51
C ARG A 14 -0.94 0.46 -6.86
N PRO A 15 -1.64 -0.21 -5.92
CA PRO A 15 -2.80 0.39 -5.24
C PRO A 15 -2.43 1.67 -4.51
N CYS A 16 -1.46 1.59 -3.61
CA CYS A 16 -1.11 2.73 -2.76
C CYS A 16 -0.60 3.91 -3.58
N GLN A 17 0.22 3.63 -4.59
CA GLN A 17 0.82 4.68 -5.41
C GLN A 17 -0.24 5.37 -6.24
N LYS A 18 -1.17 4.58 -6.77
CA LYS A 18 -2.23 5.13 -7.63
C LYS A 18 -3.25 5.90 -6.80
N ARG A 19 -3.61 5.38 -5.64
CA ARG A 19 -4.58 6.04 -4.76
C ARG A 19 -4.04 7.37 -4.27
N THR A 20 -2.91 7.32 -3.58
CA THR A 20 -2.42 8.44 -2.81
C THR A 20 -1.50 9.33 -3.64
N GLY A 21 -0.90 8.75 -4.66
CA GLY A 21 0.05 9.47 -5.47
C GLY A 21 1.47 9.02 -5.23
N CYS A 22 1.68 8.30 -4.14
CA CYS A 22 3.02 7.87 -3.76
C CYS A 22 3.02 6.39 -3.39
N PRO A 23 4.08 5.65 -3.78
CA PRO A 23 4.16 4.20 -3.60
C PRO A 23 4.55 3.79 -2.19
N ASN A 24 4.71 4.77 -1.32
CA ASN A 24 5.10 4.54 0.07
C ASN A 24 4.06 3.67 0.77
N ALA A 25 4.37 2.38 0.91
CA ALA A 25 3.45 1.46 1.54
C ALA A 25 4.19 0.29 2.16
N LYS A 26 3.65 -0.25 3.23
CA LYS A 26 4.21 -1.43 3.85
C LYS A 26 3.14 -2.49 4.05
N CYS A 27 3.51 -3.73 3.83
CA CYS A 27 2.59 -4.85 3.96
C CYS A 27 2.57 -5.34 5.40
N ILE A 28 1.77 -4.70 6.24
CA ILE A 28 1.71 -5.04 7.65
C ILE A 28 0.41 -5.78 7.95
N ASN A 29 0.53 -6.89 8.68
CA ASN A 29 -0.63 -7.70 9.06
C ASN A 29 -1.43 -8.14 7.84
N LYS A 30 -0.71 -8.45 6.75
CA LYS A 30 -1.32 -8.91 5.51
C LYS A 30 -2.20 -7.83 4.88
N THR A 31 -1.99 -6.59 5.29
CA THR A 31 -2.73 -5.46 4.75
C THR A 31 -1.78 -4.32 4.37
N CYS A 32 -1.97 -3.78 3.19
CA CYS A 32 -1.15 -2.66 2.72
C CYS A 32 -1.44 -1.40 3.53
N LYS A 33 -0.43 -0.94 4.24
CA LYS A 33 -0.52 0.29 4.99
C LYS A 33 0.12 1.39 4.15
N CYS A 34 -0.66 1.97 3.27
CA CYS A 34 -0.17 2.98 2.34
C CYS A 34 0.05 4.30 3.06
N TYR A 35 1.31 4.61 3.32
CA TYR A 35 1.66 5.85 3.99
C TYR A 35 1.51 7.03 3.04
N GLY A 36 1.79 6.78 1.77
CA GLY A 36 1.82 7.83 0.79
C GLY A 36 2.93 8.82 1.09
N CYS A 37 2.90 9.95 0.41
CA CYS A 37 3.85 11.01 0.68
C CYS A 37 3.10 12.32 0.80
N SER A 38 1.83 12.19 1.06
CA SER A 38 0.92 13.31 1.12
C SER A 38 -0.13 13.09 2.20
N ILE A 1 -10.05 2.97 5.75
CA ILE A 1 -9.04 2.27 4.94
C ILE A 1 -9.45 0.84 4.65
N GLU A 2 -9.55 0.50 3.38
CA GLU A 2 -9.93 -0.83 2.96
C GLU A 2 -8.75 -1.80 3.09
N ALA A 3 -9.07 -3.06 3.30
CA ALA A 3 -8.05 -4.08 3.48
C ALA A 3 -7.50 -4.55 2.13
N ILE A 4 -6.44 -3.91 1.67
CA ILE A 4 -5.75 -4.34 0.47
C ILE A 4 -4.85 -5.52 0.82
N ARG A 5 -5.28 -6.73 0.47
CA ARG A 5 -4.52 -7.93 0.78
C ARG A 5 -3.27 -8.00 -0.09
N CYS A 6 -2.13 -8.14 0.57
CA CYS A 6 -0.85 -8.14 -0.12
C CYS A 6 -0.06 -9.40 0.18
N GLY A 7 0.96 -9.64 -0.62
CA GLY A 7 1.91 -10.70 -0.34
C GLY A 7 3.30 -10.15 -0.15
N GLY A 8 3.36 -8.84 0.11
CA GLY A 8 4.63 -8.16 0.22
C GLY A 8 4.47 -6.66 0.06
N SER A 9 5.52 -5.91 0.38
CA SER A 9 5.49 -4.46 0.26
C SER A 9 5.37 -4.05 -1.20
N ARG A 10 6.03 -4.81 -2.07
CA ARG A 10 5.99 -4.54 -3.50
C ARG A 10 4.60 -4.78 -4.07
N ASP A 11 3.78 -5.50 -3.32
CA ASP A 11 2.43 -5.84 -3.75
C ASP A 11 1.49 -4.69 -3.43
N CYS A 12 2.00 -3.77 -2.63
CA CYS A 12 1.21 -2.64 -2.16
C CYS A 12 1.53 -1.37 -2.94
N TYR A 13 2.62 -1.39 -3.69
CA TYR A 13 3.05 -0.21 -4.44
C TYR A 13 1.98 0.20 -5.42
N ARG A 14 1.65 -0.67 -6.37
CA ARG A 14 0.75 -0.30 -7.45
C ARG A 14 -0.56 0.31 -6.93
N PRO A 15 -1.31 -0.39 -6.02
CA PRO A 15 -2.54 0.17 -5.43
C PRO A 15 -2.29 1.54 -4.79
N CYS A 16 -1.43 1.58 -3.78
CA CYS A 16 -1.25 2.81 -3.01
C CYS A 16 -0.64 3.93 -3.86
N GLN A 17 0.24 3.56 -4.78
CA GLN A 17 0.87 4.53 -5.67
C GLN A 17 -0.19 5.14 -6.59
N LYS A 18 -1.03 4.28 -7.15
CA LYS A 18 -2.09 4.72 -8.06
C LYS A 18 -3.07 5.63 -7.34
N ARG A 19 -3.42 5.25 -6.11
CA ARG A 19 -4.45 5.94 -5.35
C ARG A 19 -3.94 7.27 -4.79
N THR A 20 -2.78 7.25 -4.16
CA THR A 20 -2.28 8.44 -3.46
C THR A 20 -1.37 9.27 -4.35
N GLY A 21 -0.48 8.61 -5.08
CA GLY A 21 0.50 9.30 -5.89
C GLY A 21 1.90 8.87 -5.55
N CYS A 22 2.07 8.34 -4.34
CA CYS A 22 3.37 7.89 -3.89
C CYS A 22 3.33 6.41 -3.55
N PRO A 23 4.37 5.65 -3.91
CA PRO A 23 4.41 4.19 -3.75
C PRO A 23 4.70 3.75 -2.32
N ASN A 24 4.91 4.70 -1.42
CA ASN A 24 5.20 4.39 -0.03
C ASN A 24 4.05 3.62 0.61
N ALA A 25 4.25 2.33 0.78
CA ALA A 25 3.26 1.47 1.39
C ALA A 25 3.93 0.24 1.98
N LYS A 26 3.38 -0.26 3.07
CA LYS A 26 3.93 -1.44 3.70
C LYS A 26 2.84 -2.48 3.91
N CYS A 27 3.22 -3.73 3.73
CA CYS A 27 2.31 -4.84 3.88
C CYS A 27 2.32 -5.33 5.33
N ILE A 28 1.59 -4.62 6.17
CA ILE A 28 1.55 -4.95 7.59
C ILE A 28 0.22 -5.63 7.92
N ASN A 29 0.31 -6.76 8.62
CA ASN A 29 -0.87 -7.58 8.95
C ASN A 29 -1.51 -8.09 7.67
N LYS A 30 -0.68 -8.25 6.63
CA LYS A 30 -1.11 -8.62 5.30
C LYS A 30 -2.10 -7.61 4.74
N THR A 31 -2.00 -6.37 5.18
CA THR A 31 -2.82 -5.30 4.66
C THR A 31 -1.95 -4.11 4.27
N CYS A 32 -2.16 -3.63 3.07
CA CYS A 32 -1.40 -2.51 2.55
C CYS A 32 -1.71 -1.24 3.33
N LYS A 33 -0.71 -0.77 4.06
CA LYS A 33 -0.82 0.47 4.79
C LYS A 33 -0.17 1.55 3.95
N CYS A 34 -0.96 2.20 3.13
CA CYS A 34 -0.47 3.20 2.20
C CYS A 34 -0.08 4.48 2.93
N TYR A 35 1.20 4.80 2.93
CA TYR A 35 1.69 6.02 3.54
C TYR A 35 1.62 7.17 2.56
N GLY A 36 1.84 6.84 1.29
CA GLY A 36 1.86 7.84 0.25
C GLY A 36 2.90 8.90 0.53
N CYS A 37 2.46 10.15 0.56
CA CYS A 37 3.33 11.24 0.94
C CYS A 37 2.60 12.12 1.96
N SER A 38 1.75 11.46 2.74
CA SER A 38 0.91 12.13 3.72
C SER A 38 -0.04 13.10 3.02
N ILE A 1 -9.89 2.65 7.22
CA ILE A 1 -9.28 2.38 5.90
C ILE A 1 -9.72 1.01 5.39
N GLU A 2 -9.36 0.71 4.15
CA GLU A 2 -9.73 -0.57 3.54
C GLU A 2 -8.57 -1.54 3.57
N ALA A 3 -8.90 -2.82 3.69
CA ALA A 3 -7.89 -3.86 3.76
C ALA A 3 -7.41 -4.26 2.38
N ILE A 4 -6.36 -3.62 1.91
CA ILE A 4 -5.73 -3.98 0.65
C ILE A 4 -4.84 -5.21 0.86
N ARG A 5 -5.36 -6.38 0.50
CA ARG A 5 -4.63 -7.62 0.71
C ARG A 5 -3.38 -7.66 -0.16
N CYS A 6 -2.27 -8.06 0.44
CA CYS A 6 -0.99 -8.03 -0.24
C CYS A 6 -0.17 -9.29 0.04
N GLY A 7 0.79 -9.54 -0.83
CA GLY A 7 1.76 -10.58 -0.62
C GLY A 7 3.17 -10.03 -0.59
N GLY A 8 3.32 -8.84 -0.01
CA GLY A 8 4.61 -8.19 0.05
C GLY A 8 4.49 -6.68 -0.07
N SER A 9 5.55 -5.97 0.32
CA SER A 9 5.58 -4.53 0.17
C SER A 9 5.56 -4.14 -1.30
N ARG A 10 6.21 -4.96 -2.12
CA ARG A 10 6.24 -4.77 -3.57
C ARG A 10 4.85 -4.98 -4.17
N ASP A 11 3.98 -5.59 -3.39
CA ASP A 11 2.65 -5.95 -3.85
C ASP A 11 1.67 -4.84 -3.45
N CYS A 12 2.20 -3.84 -2.74
CA CYS A 12 1.40 -2.72 -2.26
C CYS A 12 1.68 -1.44 -3.03
N TYR A 13 2.77 -1.45 -3.79
CA TYR A 13 3.19 -0.24 -4.50
C TYR A 13 2.14 0.17 -5.51
N ARG A 14 1.78 -0.73 -6.42
CA ARG A 14 0.82 -0.40 -7.47
C ARG A 14 -0.45 0.25 -6.91
N PRO A 15 -1.19 -0.41 -5.98
CA PRO A 15 -2.41 0.16 -5.43
C PRO A 15 -2.16 1.53 -4.77
N CYS A 16 -1.28 1.56 -3.78
CA CYS A 16 -1.07 2.79 -3.01
C CYS A 16 -0.46 3.89 -3.89
N GLN A 17 0.43 3.52 -4.80
CA GLN A 17 1.07 4.49 -5.68
C GLN A 17 0.06 5.03 -6.69
N LYS A 18 -0.80 4.14 -7.20
CA LYS A 18 -1.83 4.51 -8.17
C LYS A 18 -2.87 5.44 -7.53
N ARG A 19 -3.12 5.24 -6.25
CA ARG A 19 -4.17 5.96 -5.55
C ARG A 19 -3.67 7.28 -4.99
N THR A 20 -2.52 7.25 -4.32
CA THR A 20 -2.03 8.43 -3.62
C THR A 20 -1.04 9.22 -4.48
N GLY A 21 -0.38 8.53 -5.39
CA GLY A 21 0.64 9.15 -6.21
C GLY A 21 2.04 8.81 -5.72
N CYS A 22 2.12 8.23 -4.53
CA CYS A 22 3.40 7.88 -3.93
C CYS A 22 3.40 6.43 -3.45
N PRO A 23 4.54 5.73 -3.57
CA PRO A 23 4.63 4.29 -3.34
C PRO A 23 4.88 3.91 -1.88
N ASN A 24 4.83 4.88 -0.98
CA ASN A 24 5.01 4.61 0.44
C ASN A 24 3.90 3.72 0.97
N ALA A 25 4.19 2.43 1.07
CA ALA A 25 3.22 1.45 1.53
C ALA A 25 3.92 0.26 2.15
N LYS A 26 3.35 -0.25 3.24
CA LYS A 26 3.88 -1.43 3.88
C LYS A 26 2.81 -2.49 4.02
N CYS A 27 3.18 -3.72 3.75
CA CYS A 27 2.25 -4.84 3.78
C CYS A 27 2.14 -5.41 5.19
N ILE A 28 1.43 -4.69 6.05
CA ILE A 28 1.31 -5.05 7.44
C ILE A 28 0.03 -5.84 7.68
N ASN A 29 0.15 -6.96 8.37
CA ASN A 29 -0.99 -7.83 8.67
C ASN A 29 -1.64 -8.35 7.39
N LYS A 30 -0.82 -8.45 6.34
CA LYS A 30 -1.28 -8.86 5.01
C LYS A 30 -2.18 -7.79 4.39
N THR A 31 -2.12 -6.59 4.93
CA THR A 31 -2.89 -5.48 4.40
C THR A 31 -1.99 -4.28 4.13
N CYS A 32 -2.10 -3.74 2.94
CA CYS A 32 -1.30 -2.59 2.53
C CYS A 32 -1.66 -1.35 3.32
N LYS A 33 -0.71 -0.86 4.09
CA LYS A 33 -0.88 0.37 4.81
C LYS A 33 -0.21 1.48 4.01
N CYS A 34 -0.98 2.08 3.11
CA CYS A 34 -0.46 3.13 2.26
C CYS A 34 -0.28 4.41 3.07
N TYR A 35 0.97 4.81 3.26
CA TYR A 35 1.27 6.04 3.97
C TYR A 35 1.29 7.19 2.97
N GLY A 36 1.60 6.84 1.73
CA GLY A 36 1.65 7.82 0.66
C GLY A 36 2.61 8.94 0.95
N CYS A 37 2.31 10.12 0.44
CA CYS A 37 3.09 11.29 0.71
C CYS A 37 2.19 12.45 1.10
N SER A 38 1.05 12.08 1.64
CA SER A 38 0.02 13.03 2.01
C SER A 38 -0.77 12.48 3.19
#